data_5ARJ
#
_entry.id   5ARJ
#
_cell.length_a   30.832
_cell.length_b   61.821
_cell.length_c   68.887
_cell.angle_alpha   92.04
_cell.angle_beta   100.99
_cell.angle_gamma   101.24
#
_symmetry.space_group_name_H-M   'P 1'
#
_entity_poly.entity_id   1
_entity_poly.type   'polypeptide(L)'
_entity_poly.pdbx_seq_one_letter_code
;MAHHHHHHVDDDDKMQDRMYQRFLRQHVDPDATGGNDAYCNLMMQRRKMTSHYCKRFNTFIHEDIWNIRSICSTSNIQCK
NGQMNCHEGVVKVTACRETGSSRAPNCRYRAMASTRRVVIACEGNPEVPVHFDK
;
_entity_poly.pdbx_strand_id   A,B,C,D
#
# COMPACT_ATOMS: atom_id res chain seq x y z
N MET A 15 -3.83 -1.54 29.37
CA MET A 15 -4.75 -2.42 28.55
C MET A 15 -4.38 -2.48 27.07
N GLN A 16 -3.65 -1.48 26.61
CA GLN A 16 -3.00 -1.51 25.31
C GLN A 16 -2.20 -2.81 25.24
N ASP A 17 -1.44 -3.03 26.29
CA ASP A 17 -0.59 -4.19 26.37
C ASP A 17 -1.41 -5.47 26.48
N ARG A 18 -2.30 -5.54 27.46
CA ARG A 18 -3.07 -6.76 27.65
C ARG A 18 -3.76 -7.20 26.34
N MET A 19 -4.14 -6.25 25.49
CA MET A 19 -4.67 -6.59 24.17
C MET A 19 -3.58 -7.19 23.29
N TYR A 20 -2.41 -6.58 23.29
CA TYR A 20 -1.23 -7.10 22.58
C TYR A 20 -0.95 -8.55 22.95
N GLN A 21 -1.01 -8.85 24.24
CA GLN A 21 -0.87 -10.22 24.71
C GLN A 21 -1.93 -11.12 24.12
N ARG A 22 -3.16 -10.65 24.13
CA ARG A 22 -4.27 -11.40 23.57
C ARG A 22 -4.07 -11.71 22.09
N PHE A 23 -3.48 -10.76 21.38
CA PHE A 23 -3.16 -10.90 19.96
C PHE A 23 -2.09 -11.95 19.78
N LEU A 24 -1.03 -11.86 20.57
CA LEU A 24 0.06 -12.81 20.45
C LEU A 24 -0.50 -14.20 20.67
N ARG A 25 -1.23 -14.36 21.77
CA ARG A 25 -1.86 -15.65 22.12
C ARG A 25 -2.75 -16.20 21.02
N GLN A 26 -3.62 -15.36 20.49
CA GLN A 26 -4.58 -15.83 19.53
C GLN A 26 -4.04 -16.00 18.12
N HIS A 27 -2.99 -15.26 17.76
CA HIS A 27 -2.55 -15.20 16.36
C HIS A 27 -1.09 -15.45 16.03
N VAL A 28 -0.24 -15.70 17.01
CA VAL A 28 1.18 -15.85 16.68
C VAL A 28 1.77 -17.20 17.13
N ASP A 29 2.25 -17.98 16.17
CA ASP A 29 3.12 -19.11 16.46
C ASP A 29 4.31 -19.03 15.50
N PRO A 30 5.42 -18.40 15.95
CA PRO A 30 6.60 -18.26 15.07
C PRO A 30 7.16 -19.62 14.66
N ASP A 31 7.12 -20.58 15.59
CA ASP A 31 7.79 -21.89 15.43
C ASP A 31 7.21 -22.74 14.32
N ALA A 32 5.89 -22.95 14.37
CA ALA A 32 5.18 -23.70 13.33
C ALA A 32 5.56 -23.17 11.95
N THR A 33 5.75 -24.10 11.03
CA THR A 33 6.21 -23.78 9.68
C THR A 33 4.97 -23.43 8.87
N GLY A 34 4.14 -24.45 8.69
CA GLY A 34 2.83 -24.33 8.08
C GLY A 34 1.89 -25.12 8.96
N GLY A 35 0.70 -25.38 8.45
CA GLY A 35 -0.33 -26.02 9.23
C GLY A 35 -1.08 -27.10 8.47
N ASN A 36 -1.41 -28.16 9.21
CA ASN A 36 -2.32 -29.17 8.76
C ASN A 36 -3.51 -29.16 9.70
N ASP A 37 -4.50 -30.00 9.44
CA ASP A 37 -5.71 -29.99 10.25
C ASP A 37 -5.43 -30.23 11.72
N ALA A 38 -4.53 -31.16 12.02
CA ALA A 38 -4.21 -31.49 13.42
C ALA A 38 -3.52 -30.36 14.17
N TYR A 39 -2.81 -29.51 13.42
CA TYR A 39 -2.19 -28.29 13.97
C TYR A 39 -3.23 -27.40 14.63
N CYS A 40 -4.24 -27.03 13.86
CA CYS A 40 -5.38 -26.23 14.35
C CYS A 40 -6.01 -26.85 15.59
N ASN A 41 -6.53 -28.05 15.45
CA ASN A 41 -7.15 -28.76 16.57
C ASN A 41 -6.35 -28.59 17.86
N LEU A 42 -5.04 -28.76 17.74
CA LEU A 42 -4.16 -28.63 18.87
C LEU A 42 -4.05 -27.18 19.30
N MET A 43 -3.69 -26.31 18.36
CA MET A 43 -3.40 -24.91 18.67
C MET A 43 -4.59 -24.12 19.16
N MET A 44 -5.75 -24.36 18.56
CA MET A 44 -6.94 -23.64 18.96
C MET A 44 -7.25 -23.95 20.41
N GLN A 45 -7.11 -25.22 20.76
CA GLN A 45 -7.32 -25.64 22.13
C GLN A 45 -6.26 -25.05 23.05
N ARG A 46 -5.00 -25.14 22.65
CA ARG A 46 -3.91 -24.68 23.52
C ARG A 46 -3.97 -23.18 23.77
N ARG A 47 -4.28 -22.39 22.74
CA ARG A 47 -4.34 -20.94 22.89
C ARG A 47 -5.68 -20.47 23.47
N LYS A 48 -6.49 -21.43 23.89
CA LYS A 48 -7.70 -21.21 24.71
C LYS A 48 -8.79 -20.53 23.91
N MET A 49 -9.10 -21.10 22.77
CA MET A 49 -10.17 -20.62 21.90
C MET A 49 -11.29 -21.67 21.71
N THR A 50 -11.18 -22.80 22.40
CA THR A 50 -12.24 -23.81 22.42
C THR A 50 -12.79 -24.05 23.84
N SER A 51 -12.37 -23.22 24.80
CA SER A 51 -12.58 -23.51 26.21
C SER A 51 -14.05 -23.67 26.53
N HIS A 52 -14.88 -22.86 25.90
CA HIS A 52 -16.31 -22.97 26.07
C HIS A 52 -16.95 -23.37 24.74
N TYR A 53 -16.79 -22.50 23.74
CA TYR A 53 -17.30 -22.74 22.39
C TYR A 53 -16.16 -22.71 21.39
N CYS A 54 -16.37 -23.34 20.25
CA CYS A 54 -15.39 -23.38 19.20
C CYS A 54 -15.46 -22.08 18.42
N LYS A 55 -14.33 -21.36 18.37
CA LYS A 55 -14.25 -20.13 17.60
C LYS A 55 -14.34 -20.44 16.12
N ARG A 56 -15.26 -19.77 15.44
CA ARG A 56 -15.53 -20.05 14.03
C ARG A 56 -14.27 -20.18 13.21
N PHE A 57 -13.45 -19.14 13.25
CA PHE A 57 -12.38 -18.98 12.30
C PHE A 57 -11.30 -18.16 12.93
N ASN A 58 -10.05 -18.64 12.85
CA ASN A 58 -8.90 -17.94 13.41
C ASN A 58 -7.65 -18.14 12.57
N THR A 59 -6.80 -17.13 12.55
CA THR A 59 -5.59 -17.12 11.73
C THR A 59 -4.37 -17.10 12.63
N PHE A 60 -3.41 -17.95 12.34
CA PHE A 60 -2.15 -17.98 13.07
C PHE A 60 -1.04 -17.46 12.17
N ILE A 61 -0.30 -16.45 12.63
CA ILE A 61 0.84 -15.94 11.88
C ILE A 61 2.12 -16.67 12.28
N HIS A 62 2.89 -17.06 11.27
CA HIS A 62 4.14 -17.78 11.47
C HIS A 62 5.30 -16.85 11.15
N GLU A 63 5.50 -15.89 12.04
CA GLU A 63 6.61 -14.97 11.93
C GLU A 63 7.11 -14.72 13.32
N ASP A 64 8.34 -14.24 13.42
CA ASP A 64 8.90 -13.90 14.73
C ASP A 64 8.17 -12.67 15.25
N ILE A 65 8.02 -12.58 16.56
CA ILE A 65 7.23 -11.51 17.17
C ILE A 65 7.71 -10.14 16.72
N TRP A 66 9.02 -9.97 16.62
CA TRP A 66 9.57 -8.68 16.26
C TRP A 66 9.43 -8.42 14.76
N ASN A 67 9.59 -9.46 13.97
CA ASN A 67 9.23 -9.44 12.55
C ASN A 67 7.85 -8.80 12.32
N ILE A 68 6.91 -9.14 13.18
CA ILE A 68 5.55 -8.65 13.09
C ILE A 68 5.42 -7.20 13.56
N ARG A 69 5.80 -6.92 14.82
CA ARG A 69 5.72 -5.56 15.37
C ARG A 69 6.26 -4.52 14.41
N SER A 70 7.19 -4.94 13.55
CA SER A 70 7.74 -4.07 12.50
C SER A 70 6.70 -3.57 11.49
N ILE A 71 5.53 -4.25 11.41
CA ILE A 71 4.48 -3.84 10.52
C ILE A 71 3.83 -2.57 11.02
N CYS A 72 3.84 -2.39 12.34
CA CYS A 72 3.35 -1.15 12.95
C CYS A 72 4.17 0.10 12.58
N SER A 73 5.30 -0.10 11.90
CA SER A 73 6.10 1.01 11.42
C SER A 73 6.09 1.10 9.89
N THR A 74 5.29 0.28 9.23
CA THR A 74 5.01 0.48 7.81
C THR A 74 3.96 1.57 7.70
N SER A 75 3.73 2.08 6.47
CA SER A 75 2.84 3.22 6.27
C SER A 75 1.48 2.91 6.78
N ASN A 76 0.84 3.93 7.33
CA ASN A 76 -0.52 3.77 7.82
C ASN A 76 -1.50 3.62 6.69
N ILE A 77 -2.59 2.95 6.99
CA ILE A 77 -3.73 2.92 6.11
C ILE A 77 -4.99 2.95 6.97
N GLN A 78 -6.13 3.06 6.31
CA GLN A 78 -7.40 3.18 7.00
C GLN A 78 -8.01 1.82 7.33
N CYS A 79 -8.37 1.65 8.59
CA CYS A 79 -8.98 0.43 9.04
C CYS A 79 -10.37 0.32 8.45
N LYS A 80 -10.94 -0.89 8.59
CA LYS A 80 -12.33 -1.15 8.22
C LYS A 80 -13.26 -0.12 8.86
N ASN A 81 -12.97 0.19 10.13
CA ASN A 81 -13.78 1.08 10.98
C ASN A 81 -13.45 2.57 10.79
N GLY A 82 -12.71 2.90 9.75
CA GLY A 82 -12.34 4.28 9.48
C GLY A 82 -11.12 4.82 10.22
N GLN A 83 -10.66 4.11 11.26
CA GLN A 83 -9.46 4.54 11.98
C GLN A 83 -8.26 4.40 11.10
N MET A 84 -7.21 5.15 11.42
CA MET A 84 -6.04 5.27 10.56
C MET A 84 -4.80 4.55 11.10
N ASN A 85 -4.99 3.71 12.13
CA ASN A 85 -3.89 3.01 12.75
C ASN A 85 -3.67 1.59 12.23
N CYS A 86 -4.16 1.28 11.03
CA CYS A 86 -3.95 -0.03 10.46
C CYS A 86 -2.72 -0.04 9.57
N HIS A 87 -2.12 -1.22 9.42
CA HIS A 87 -0.87 -1.42 8.66
C HIS A 87 -0.95 -2.76 7.97
N GLU A 88 -0.38 -2.84 6.78
CA GLU A 88 -0.49 -4.04 5.98
C GLU A 88 0.87 -4.65 5.78
N GLY A 89 0.89 -5.98 5.62
CA GLY A 89 2.12 -6.71 5.38
C GLY A 89 1.86 -8.12 4.90
N VAL A 90 2.91 -8.76 4.40
CA VAL A 90 2.79 -10.10 3.80
C VAL A 90 3.52 -11.14 4.65
N VAL A 91 2.77 -12.11 5.17
CA VAL A 91 3.28 -13.09 6.08
C VAL A 91 2.78 -14.49 5.77
N LYS A 92 3.47 -15.48 6.32
CA LYS A 92 3.02 -16.86 6.26
C LYS A 92 1.98 -17.04 7.37
N VAL A 93 0.87 -17.69 7.05
CA VAL A 93 -0.17 -17.99 8.06
C VAL A 93 -0.78 -19.40 7.92
N THR A 94 -1.51 -19.80 8.95
CA THR A 94 -2.43 -20.92 8.88
C THR A 94 -3.81 -20.43 9.27
N ALA A 95 -4.76 -20.56 8.36
CA ALA A 95 -6.14 -20.20 8.66
C ALA A 95 -6.88 -21.42 9.18
N CYS A 96 -7.32 -21.33 10.43
CA CYS A 96 -8.13 -22.39 11.02
C CYS A 96 -9.61 -22.05 10.94
N ARG A 97 -10.37 -22.91 10.27
CA ARG A 97 -11.81 -22.73 10.10
C ARG A 97 -12.53 -23.96 10.66
N GLU A 98 -13.64 -23.76 11.34
CA GLU A 98 -14.36 -24.87 11.98
C GLU A 98 -15.01 -25.79 10.94
N THR A 99 -14.88 -27.11 11.11
CA THR A 99 -15.33 -28.09 10.11
C THR A 99 -16.86 -28.21 9.96
N GLY A 100 -17.61 -27.84 10.99
CA GLY A 100 -19.07 -28.02 10.98
C GLY A 100 -19.43 -29.39 11.52
N SER A 101 -18.71 -30.42 11.07
CA SER A 101 -18.76 -31.73 11.74
C SER A 101 -18.16 -31.64 13.15
N SER A 102 -17.73 -30.45 13.56
CA SER A 102 -17.31 -30.24 14.94
C SER A 102 -18.47 -29.80 15.82
N ARG A 103 -18.45 -30.29 17.06
CA ARG A 103 -19.38 -29.90 18.10
C ARG A 103 -18.52 -29.36 19.23
N ALA A 104 -19.13 -28.89 20.32
CA ALA A 104 -18.36 -28.35 21.46
C ALA A 104 -18.31 -29.35 22.62
N PRO A 105 -17.28 -29.27 23.47
CA PRO A 105 -16.05 -28.52 23.22
C PRO A 105 -15.02 -29.39 22.48
N ASN A 106 -15.44 -30.55 21.97
CA ASN A 106 -14.62 -31.36 21.07
C ASN A 106 -14.62 -30.74 19.68
N CYS A 107 -13.89 -29.63 19.59
CA CYS A 107 -13.87 -28.80 18.41
C CYS A 107 -12.95 -29.41 17.36
N ARG A 108 -13.23 -29.12 16.10
CA ARG A 108 -12.51 -29.72 14.99
C ARG A 108 -12.40 -28.68 13.90
N TYR A 109 -11.23 -28.66 13.24
CA TYR A 109 -10.92 -27.63 12.27
C TYR A 109 -10.26 -28.15 11.01
N ARG A 110 -10.41 -27.38 9.91
CA ARG A 110 -9.70 -27.63 8.66
C ARG A 110 -8.72 -26.47 8.40
N ALA A 111 -7.44 -26.80 8.28
CA ALA A 111 -6.38 -25.81 8.16
C ALA A 111 -6.19 -25.29 6.73
N MET A 112 -5.66 -24.08 6.61
CA MET A 112 -5.33 -23.50 5.31
C MET A 112 -4.06 -22.68 5.41
N ALA A 113 -2.95 -23.28 4.97
CA ALA A 113 -1.66 -22.61 4.96
C ALA A 113 -1.49 -21.80 3.68
N SER A 114 -0.99 -20.57 3.83
CA SER A 114 -0.61 -19.72 2.72
C SER A 114 0.19 -18.53 3.22
N THR A 115 1.03 -17.98 2.35
CA THR A 115 1.64 -16.68 2.59
C THR A 115 0.68 -15.68 1.99
N ARG A 116 0.22 -14.71 2.79
CA ARG A 116 -0.80 -13.78 2.34
C ARG A 116 -0.71 -12.44 3.03
N ARG A 117 -1.45 -11.50 2.49
CA ARG A 117 -1.51 -10.15 3.02
C ARG A 117 -2.35 -10.15 4.29
N VAL A 118 -1.94 -9.34 5.25
CA VAL A 118 -2.71 -9.15 6.46
C VAL A 118 -2.65 -7.70 6.89
N VAL A 119 -3.61 -7.33 7.71
CA VAL A 119 -3.76 -5.96 8.13
C VAL A 119 -4.03 -5.96 9.62
N ILE A 120 -3.23 -5.21 10.35
CA ILE A 120 -3.33 -5.21 11.80
C ILE A 120 -3.39 -3.79 12.31
N ALA A 121 -4.23 -3.57 13.31
CA ALA A 121 -4.23 -2.32 14.02
C ALA A 121 -3.07 -2.36 15.01
N CYS A 122 -2.44 -1.21 15.22
CA CYS A 122 -1.37 -1.06 16.20
C CYS A 122 -1.61 0.13 17.14
N GLU A 123 -1.57 -0.12 18.44
CA GLU A 123 -1.79 0.92 19.46
C GLU A 123 -0.63 1.01 20.43
N GLY A 124 -0.67 2.02 21.28
CA GLY A 124 0.26 2.13 22.39
C GLY A 124 1.53 2.87 22.04
N ASN A 125 2.41 2.89 23.03
CA ASN A 125 3.71 3.51 22.93
C ASN A 125 4.74 2.61 23.59
N PRO A 126 5.62 1.99 22.80
CA PRO A 126 5.63 2.08 21.34
C PRO A 126 4.44 1.36 20.72
N GLU A 127 4.17 1.66 19.45
CA GLU A 127 3.07 1.04 18.72
C GLU A 127 3.30 -0.46 18.65
N VAL A 128 2.40 -1.20 19.29
CA VAL A 128 2.42 -2.64 19.27
C VAL A 128 1.11 -3.12 18.64
N PRO A 129 1.12 -4.29 17.99
CA PRO A 129 -0.08 -4.89 17.39
C PRO A 129 -1.17 -5.26 18.41
N VAL A 130 -2.38 -4.79 18.25
CA VAL A 130 -3.41 -5.13 19.22
C VAL A 130 -4.65 -5.76 18.62
N HIS A 131 -4.79 -5.74 17.31
CA HIS A 131 -6.06 -6.13 16.69
C HIS A 131 -5.80 -6.54 15.26
N PHE A 132 -6.42 -7.65 14.87
CA PHE A 132 -6.31 -8.22 13.52
C PHE A 132 -7.48 -7.59 12.80
N ASP A 133 -7.22 -6.94 11.68
CA ASP A 133 -8.30 -6.30 10.89
C ASP A 133 -8.78 -7.20 9.76
N LYS A 134 -7.75 -7.64 9.01
CA LYS A 134 -7.81 -8.66 7.98
C LYS A 134 -6.47 -9.45 8.02
N GLN B 16 -15.88 -22.12 -4.27
CA GLN B 16 -14.97 -21.30 -3.45
C GLN B 16 -13.84 -20.76 -4.34
N ASP B 17 -12.57 -21.10 -4.09
CA ASP B 17 -11.46 -20.84 -5.01
C ASP B 17 -11.49 -21.73 -6.22
N ARG B 18 -12.33 -22.76 -6.27
CA ARG B 18 -12.38 -23.58 -7.48
C ARG B 18 -12.54 -22.69 -8.71
N MET B 19 -13.20 -21.55 -8.54
CA MET B 19 -13.25 -20.55 -9.61
C MET B 19 -11.88 -19.94 -9.89
N TYR B 20 -11.18 -19.57 -8.82
CA TYR B 20 -9.81 -19.07 -8.91
C TYR B 20 -8.91 -20.00 -9.69
N GLN B 21 -9.02 -21.29 -9.42
CA GLN B 21 -8.30 -22.30 -10.19
C GLN B 21 -8.67 -22.24 -11.68
N ARG B 22 -9.97 -22.14 -11.94
CA ARG B 22 -10.46 -22.07 -13.29
C ARG B 22 -9.87 -20.87 -14.02
N PHE B 23 -9.73 -19.77 -13.29
CA PHE B 23 -9.18 -18.54 -13.83
C PHE B 23 -7.72 -18.75 -14.19
N LEU B 24 -6.98 -19.32 -13.25
CA LEU B 24 -5.57 -19.53 -13.47
C LEU B 24 -5.43 -20.35 -14.71
N ARG B 25 -6.17 -21.46 -14.75
CA ARG B 25 -6.12 -22.38 -15.89
C ARG B 25 -6.41 -21.71 -17.20
N GLN B 26 -7.49 -20.94 -17.22
CA GLN B 26 -7.94 -20.36 -18.47
C GLN B 26 -7.17 -19.14 -18.91
N HIS B 27 -6.57 -18.41 -17.97
CA HIS B 27 -6.01 -17.09 -18.27
C HIS B 27 -4.57 -16.78 -17.87
N VAL B 28 -3.86 -17.69 -17.21
CA VAL B 28 -2.53 -17.35 -16.74
C VAL B 28 -1.46 -18.28 -17.25
N ASP B 29 -0.50 -17.71 -17.99
CA ASP B 29 0.76 -18.39 -18.28
C ASP B 29 1.89 -17.40 -18.00
N PRO B 30 2.46 -17.43 -16.77
CA PRO B 30 3.55 -16.51 -16.42
C PRO B 30 4.79 -16.69 -17.29
N ASP B 31 5.08 -17.94 -17.65
CA ASP B 31 6.28 -18.32 -18.37
C ASP B 31 6.34 -17.71 -19.77
N ALA B 32 5.31 -17.96 -20.59
CA ALA B 32 5.26 -17.42 -21.95
C ALA B 32 5.54 -15.93 -21.95
N THR B 33 6.32 -15.50 -22.93
CA THR B 33 6.78 -14.12 -23.01
C THR B 33 5.66 -13.35 -23.72
N GLY B 34 5.49 -13.71 -24.99
CA GLY B 34 4.43 -13.19 -25.82
C GLY B 34 3.86 -14.40 -26.54
N GLY B 35 3.06 -14.14 -27.57
CA GLY B 35 2.38 -15.21 -28.25
C GLY B 35 2.40 -15.06 -29.75
N ASN B 36 2.53 -16.21 -30.40
CA ASN B 36 2.33 -16.33 -31.82
C ASN B 36 1.15 -17.26 -32.05
N ASP B 37 0.76 -17.45 -33.30
CA ASP B 37 -0.42 -18.27 -33.60
C ASP B 37 -0.30 -19.69 -33.03
N ALA B 38 0.88 -20.29 -33.16
CA ALA B 38 1.08 -21.65 -32.67
C ALA B 38 1.00 -21.78 -31.15
N TYR B 39 1.30 -20.69 -30.44
CA TYR B 39 1.15 -20.60 -28.99
C TYR B 39 -0.29 -20.90 -28.57
N CYS B 40 -1.22 -20.11 -29.12
CA CYS B 40 -2.65 -20.29 -28.87
C CYS B 40 -3.08 -21.73 -29.16
N ASN B 41 -2.90 -22.16 -30.40
CA ASN B 41 -3.27 -23.52 -30.80
C ASN B 41 -2.89 -24.56 -29.76
N LEU B 42 -1.67 -24.43 -29.26
CA LEU B 42 -1.17 -25.31 -28.22
C LEU B 42 -1.86 -25.05 -26.88
N MET B 43 -1.83 -23.80 -26.42
CA MET B 43 -2.32 -23.44 -25.08
C MET B 43 -3.83 -23.63 -24.89
N MET B 44 -4.60 -23.27 -25.91
CA MET B 44 -6.04 -23.40 -25.82
C MET B 44 -6.39 -24.87 -25.61
N GLN B 45 -5.72 -25.73 -26.37
CA GLN B 45 -5.92 -27.15 -26.24
C GLN B 45 -5.45 -27.61 -24.87
N ARG B 46 -4.26 -27.20 -24.45
CA ARG B 46 -3.68 -27.70 -23.20
C ARG B 46 -4.49 -27.29 -21.97
N ARG B 47 -4.97 -26.04 -21.95
CA ARG B 47 -5.78 -25.54 -20.83
C ARG B 47 -7.25 -25.95 -20.94
N LYS B 48 -7.55 -26.80 -21.91
CA LYS B 48 -8.82 -27.54 -21.99
C LYS B 48 -9.94 -26.61 -22.33
N MET B 49 -9.75 -25.86 -23.42
CA MET B 49 -10.79 -24.99 -23.96
C MET B 49 -11.20 -25.36 -25.41
N THR B 50 -10.67 -26.46 -25.94
CA THR B 50 -11.08 -26.98 -27.26
C THR B 50 -11.66 -28.40 -27.15
N SER B 51 -11.86 -28.88 -25.92
CA SER B 51 -12.18 -30.29 -25.70
C SER B 51 -13.43 -30.72 -26.46
N HIS B 52 -14.43 -29.83 -26.50
CA HIS B 52 -15.67 -30.12 -27.22
C HIS B 52 -15.79 -29.15 -28.40
N TYR B 53 -15.90 -27.86 -28.07
CA TYR B 53 -15.95 -26.80 -29.07
C TYR B 53 -14.81 -25.83 -28.86
N CYS B 54 -14.45 -25.11 -29.91
CA CYS B 54 -13.40 -24.12 -29.87
C CYS B 54 -13.97 -22.86 -29.24
N LYS B 55 -13.37 -22.43 -28.14
CA LYS B 55 -13.79 -21.21 -27.49
C LYS B 55 -13.46 -20.02 -28.37
N ARG B 56 -14.46 -19.17 -28.61
CA ARG B 56 -14.39 -18.00 -29.50
C ARG B 56 -13.07 -17.25 -29.31
N PHE B 57 -12.89 -16.78 -28.09
CA PHE B 57 -11.87 -15.79 -27.82
C PHE B 57 -11.47 -15.93 -26.38
N ASN B 58 -10.16 -15.98 -26.13
CA ASN B 58 -9.61 -16.10 -24.79
C ASN B 58 -8.30 -15.34 -24.67
N THR B 59 -8.08 -14.79 -23.48
CA THR B 59 -6.92 -13.98 -23.21
C THR B 59 -6.04 -14.68 -22.17
N PHE B 60 -4.74 -14.73 -22.45
CA PHE B 60 -3.76 -15.31 -21.53
C PHE B 60 -2.90 -14.21 -20.95
N ILE B 61 -2.84 -14.13 -19.63
CA ILE B 61 -2.01 -13.12 -19.00
C ILE B 61 -0.62 -13.68 -18.72
N HIS B 62 0.40 -12.87 -19.05
CA HIS B 62 1.78 -13.25 -18.85
C HIS B 62 2.36 -12.47 -17.70
N GLU B 63 1.92 -12.83 -16.51
CA GLU B 63 2.43 -12.23 -15.29
C GLU B 63 2.53 -13.34 -14.25
N ASP B 64 3.35 -13.11 -13.22
CA ASP B 64 3.45 -14.08 -12.14
C ASP B 64 2.13 -14.06 -11.39
N ILE B 65 1.75 -15.21 -10.85
CA ILE B 65 0.46 -15.35 -10.19
C ILE B 65 0.25 -14.29 -9.11
N TRP B 66 1.29 -13.99 -8.35
CA TRP B 66 1.16 -13.06 -7.24
C TRP B 66 1.15 -11.62 -7.73
N ASN B 67 1.93 -11.35 -8.77
CA ASN B 67 1.82 -10.11 -9.54
C ASN B 67 0.38 -9.75 -9.86
N ILE B 68 -0.40 -10.76 -10.24
CA ILE B 68 -1.80 -10.57 -10.62
C ILE B 68 -2.69 -10.38 -9.40
N ARG B 69 -2.68 -11.34 -8.48
CA ARG B 69 -3.51 -11.25 -7.26
C ARG B 69 -3.42 -9.89 -6.61
N SER B 70 -2.29 -9.20 -6.81
CA SER B 70 -2.11 -7.83 -6.32
C SER B 70 -3.10 -6.80 -6.92
N ILE B 71 -3.73 -7.15 -8.05
CA ILE B 71 -4.71 -6.28 -8.66
C ILE B 71 -5.96 -6.24 -7.81
N CYS B 72 -6.24 -7.35 -7.11
CA CYS B 72 -7.37 -7.41 -6.19
C CYS B 72 -7.24 -6.45 -4.99
N SER B 73 -6.08 -5.81 -4.84
CA SER B 73 -5.88 -4.81 -3.81
C SER B 73 -5.74 -3.43 -4.38
N THR B 74 -5.93 -3.28 -5.70
CA THR B 74 -6.10 -1.94 -6.29
C THR B 74 -7.53 -1.51 -6.05
N SER B 75 -7.81 -0.22 -6.26
CA SER B 75 -9.09 0.33 -5.89
C SER B 75 -10.20 -0.38 -6.68
N ASN B 76 -11.35 -0.54 -6.04
CA ASN B 76 -12.49 -1.17 -6.66
C ASN B 76 -13.10 -0.32 -7.75
N ILE B 77 -13.71 -0.99 -8.71
CA ILE B 77 -14.52 -0.35 -9.70
C ILE B 77 -15.71 -1.25 -9.98
N GLN B 78 -16.62 -0.75 -10.79
CA GLN B 78 -17.84 -1.47 -11.11
C GLN B 78 -17.65 -2.44 -12.26
N CYS B 79 -18.05 -3.68 -12.05
CA CYS B 79 -18.03 -4.67 -13.11
C CYS B 79 -19.06 -4.36 -14.20
N LYS B 80 -18.93 -5.04 -15.32
CA LYS B 80 -19.84 -4.98 -16.46
C LYS B 80 -21.25 -5.46 -16.09
N ASN B 81 -21.38 -6.26 -15.02
CA ASN B 81 -22.65 -6.69 -14.38
C ASN B 81 -23.11 -5.84 -13.17
N GLY B 82 -22.52 -4.66 -12.97
CA GLY B 82 -22.92 -3.76 -11.89
C GLY B 82 -22.29 -4.04 -10.54
N GLN B 83 -21.69 -5.22 -10.36
CA GLN B 83 -21.03 -5.51 -9.10
C GLN B 83 -19.81 -4.64 -8.94
N MET B 84 -19.38 -4.48 -7.69
CA MET B 84 -18.33 -3.52 -7.36
C MET B 84 -17.00 -4.17 -7.00
N ASN B 85 -16.87 -5.46 -7.29
CA ASN B 85 -15.66 -6.20 -6.93
C ASN B 85 -14.65 -6.35 -8.08
N CYS B 86 -14.73 -5.48 -9.09
CA CYS B 86 -13.78 -5.51 -10.20
C CYS B 86 -12.62 -4.58 -9.93
N HIS B 87 -11.50 -4.87 -10.58
CA HIS B 87 -10.26 -4.13 -10.41
C HIS B 87 -9.57 -4.08 -11.74
N GLU B 88 -8.87 -3.00 -11.99
CA GLU B 88 -8.23 -2.82 -13.30
C GLU B 88 -6.73 -2.74 -13.15
N GLY B 89 -6.03 -3.11 -14.21
CA GLY B 89 -4.58 -3.10 -14.19
C GLY B 89 -4.02 -3.30 -15.59
N VAL B 90 -2.73 -3.04 -15.75
CA VAL B 90 -2.07 -3.12 -17.05
C VAL B 90 -1.04 -4.25 -17.09
N VAL B 91 -1.24 -5.20 -17.98
CA VAL B 91 -0.44 -6.40 -18.03
C VAL B 91 -0.11 -6.79 -19.45
N LYS B 92 0.89 -7.65 -19.61
CA LYS B 92 1.21 -8.26 -20.90
C LYS B 92 0.25 -9.43 -21.12
N VAL B 93 -0.33 -9.53 -22.32
CA VAL B 93 -1.23 -10.66 -22.65
C VAL B 93 -1.04 -11.18 -24.07
N THR B 94 -1.64 -12.35 -24.32
CA THR B 94 -1.85 -12.87 -25.66
C THR B 94 -3.35 -13.11 -25.83
N ALA B 95 -3.95 -12.41 -26.79
CA ALA B 95 -5.35 -12.61 -27.08
C ALA B 95 -5.45 -13.68 -28.16
N CYS B 96 -6.07 -14.80 -27.80
CA CYS B 96 -6.34 -15.87 -28.77
C CYS B 96 -7.76 -15.76 -29.29
N ARG B 97 -7.88 -15.57 -30.60
CA ARG B 97 -9.17 -15.42 -31.26
C ARG B 97 -9.25 -16.50 -32.33
N GLU B 98 -10.42 -17.10 -32.47
CA GLU B 98 -10.61 -18.20 -33.40
C GLU B 98 -10.54 -17.71 -34.87
N THR B 99 -9.81 -18.44 -35.72
CA THR B 99 -9.54 -18.02 -37.11
C THR B 99 -10.77 -18.03 -38.04
N GLY B 100 -11.77 -18.84 -37.72
CA GLY B 100 -12.91 -19.00 -38.62
C GLY B 100 -12.62 -20.14 -39.60
N SER B 101 -11.42 -20.15 -40.18
CA SER B 101 -10.95 -21.32 -40.93
C SER B 101 -10.74 -22.49 -39.98
N SER B 102 -11.02 -22.30 -38.70
CA SER B 102 -11.04 -23.40 -37.74
C SER B 102 -12.42 -24.03 -37.64
N ARG B 103 -12.41 -25.34 -37.49
CA ARG B 103 -13.59 -26.13 -37.21
C ARG B 103 -13.28 -26.90 -35.93
N ALA B 104 -14.21 -27.70 -35.44
CA ALA B 104 -13.99 -28.46 -34.22
C ALA B 104 -13.65 -29.93 -34.50
N PRO B 105 -12.95 -30.61 -33.59
CA PRO B 105 -12.23 -29.97 -32.48
C PRO B 105 -10.80 -29.62 -32.91
N ASN B 106 -10.53 -29.69 -34.21
CA ASN B 106 -9.27 -29.22 -34.77
C ASN B 106 -9.31 -27.70 -34.84
N CYS B 107 -9.19 -27.08 -33.66
CA CYS B 107 -9.36 -25.64 -33.47
C CYS B 107 -8.09 -24.90 -33.87
N ARG B 108 -8.26 -23.65 -34.30
CA ARG B 108 -7.17 -22.87 -34.88
C ARG B 108 -7.39 -21.44 -34.49
N TYR B 109 -6.30 -20.75 -34.15
CA TYR B 109 -6.37 -19.40 -33.61
C TYR B 109 -5.34 -18.45 -34.21
N ARG B 110 -5.64 -17.15 -34.15
CA ARG B 110 -4.71 -16.08 -34.50
C ARG B 110 -4.41 -15.27 -33.24
N ALA B 111 -3.12 -15.22 -32.88
CA ALA B 111 -2.68 -14.61 -31.63
C ALA B 111 -2.55 -13.10 -31.74
N MET B 112 -2.69 -12.43 -30.62
CA MET B 112 -2.50 -10.99 -30.56
C MET B 112 -1.83 -10.61 -29.24
N ALA B 113 -0.51 -10.39 -29.32
CA ALA B 113 0.25 -9.99 -28.15
C ALA B 113 0.19 -8.47 -28.00
N SER B 114 -0.03 -8.02 -26.77
CA SER B 114 0.04 -6.60 -26.41
C SER B 114 0.04 -6.45 -24.89
N THR B 115 0.63 -5.37 -24.41
CA THR B 115 0.48 -4.98 -23.01
C THR B 115 -0.75 -4.10 -22.99
N ARG B 116 -1.74 -4.47 -22.19
CA ARG B 116 -3.00 -3.76 -22.22
C ARG B 116 -3.72 -3.80 -20.89
N ARG B 117 -4.78 -2.98 -20.81
CA ARG B 117 -5.60 -2.88 -19.62
C ARG B 117 -6.50 -4.10 -19.51
N VAL B 118 -6.69 -4.57 -18.29
CA VAL B 118 -7.60 -5.66 -18.04
C VAL B 118 -8.32 -5.42 -16.75
N VAL B 119 -9.44 -6.10 -16.63
CA VAL B 119 -10.32 -5.92 -15.51
C VAL B 119 -10.72 -7.29 -15.02
N ILE B 120 -10.53 -7.54 -13.72
CA ILE B 120 -10.84 -8.85 -13.17
C ILE B 120 -11.66 -8.70 -11.91
N ALA B 121 -12.64 -9.58 -11.77
CA ALA B 121 -13.40 -9.66 -10.53
C ALA B 121 -12.55 -10.46 -9.53
N CYS B 122 -12.64 -10.08 -8.25
CA CYS B 122 -11.94 -10.77 -7.15
C CYS B 122 -12.90 -11.11 -5.99
N GLU B 123 -12.93 -12.38 -5.59
CA GLU B 123 -13.76 -12.84 -4.47
C GLU B 123 -12.93 -13.55 -3.44
N GLY B 124 -13.58 -13.86 -2.32
CA GLY B 124 -12.98 -14.68 -1.28
C GLY B 124 -12.20 -13.90 -0.22
N ASN B 125 -11.63 -14.64 0.72
CA ASN B 125 -10.82 -14.08 1.81
C ASN B 125 -9.58 -14.97 1.99
N PRO B 126 -8.40 -14.49 1.61
CA PRO B 126 -8.22 -13.20 0.95
C PRO B 126 -8.81 -13.11 -0.47
N GLU B 127 -9.00 -11.88 -0.94
CA GLU B 127 -9.53 -11.62 -2.27
C GLU B 127 -8.59 -12.19 -3.31
N VAL B 128 -9.09 -13.16 -4.04
CA VAL B 128 -8.36 -13.78 -5.11
C VAL B 128 -9.15 -13.55 -6.39
N PRO B 129 -8.46 -13.49 -7.54
CA PRO B 129 -9.10 -13.35 -8.85
C PRO B 129 -10.00 -14.54 -9.23
N VAL B 130 -11.26 -14.30 -9.55
CA VAL B 130 -12.13 -15.40 -9.93
C VAL B 130 -12.77 -15.28 -11.30
N HIS B 131 -12.69 -14.12 -11.94
CA HIS B 131 -13.44 -13.89 -13.17
C HIS B 131 -12.76 -12.78 -13.98
N PHE B 132 -12.65 -12.99 -15.28
CA PHE B 132 -12.09 -12.02 -16.21
C PHE B 132 -13.26 -11.24 -16.75
N ASP B 133 -13.19 -9.92 -16.63
CA ASP B 133 -14.33 -9.07 -17.05
C ASP B 133 -14.15 -8.56 -18.51
N LYS B 134 -12.93 -8.11 -18.86
CA LYS B 134 -12.65 -7.44 -20.15
C LYS B 134 -11.15 -7.29 -20.41
N LYS C 14 18.01 -7.41 -26.07
CA LYS C 14 17.38 -6.73 -24.91
C LYS C 14 17.68 -5.24 -24.90
N MET C 15 16.65 -4.45 -25.25
CA MET C 15 16.59 -3.02 -24.91
C MET C 15 16.15 -2.87 -23.46
N GLN C 16 15.66 -3.97 -22.90
CA GLN C 16 15.39 -4.10 -21.47
C GLN C 16 16.65 -3.65 -20.77
N ASP C 17 17.74 -4.25 -21.22
CA ASP C 17 19.02 -3.99 -20.63
C ASP C 17 19.46 -2.57 -20.87
N ARG C 18 19.51 -2.16 -22.12
CA ARG C 18 20.00 -0.81 -22.41
C ARG C 18 19.28 0.24 -21.57
N MET C 19 18.01 -0.02 -21.24
CA MET C 19 17.27 0.88 -20.34
C MET C 19 17.80 0.81 -18.93
N TYR C 20 18.03 -0.40 -18.46
CA TYR C 20 18.69 -0.63 -17.17
C TYR C 20 20.00 0.15 -17.05
N GLN C 21 20.82 0.11 -18.10
CA GLN C 21 22.08 0.87 -18.15
C GLN C 21 21.81 2.35 -18.00
N ARG C 22 20.82 2.81 -18.73
CA ARG C 22 20.44 4.20 -18.67
C ARG C 22 20.01 4.63 -17.26
N PHE C 23 19.32 3.72 -16.57
CA PHE C 23 18.90 3.94 -15.19
C PHE C 23 20.09 4.03 -14.27
N LEU C 24 21.01 3.08 -14.42
CA LEU C 24 22.20 3.07 -13.58
C LEU C 24 22.93 4.39 -13.77
N ARG C 25 23.18 4.74 -15.02
CA ARG C 25 23.89 5.98 -15.35
C ARG C 25 23.22 7.20 -14.77
N GLN C 26 21.91 7.29 -14.94
CA GLN C 26 21.21 8.48 -14.55
C GLN C 26 20.91 8.56 -13.06
N HIS C 27 20.83 7.41 -12.36
CA HIS C 27 20.31 7.39 -10.98
C HIS C 27 21.13 6.74 -9.90
N VAL C 28 22.27 6.14 -10.22
CA VAL C 28 22.98 5.36 -9.21
C VAL C 28 24.41 5.84 -9.01
N ASP C 29 24.72 6.28 -7.80
CA ASP C 29 26.10 6.42 -7.36
C ASP C 29 26.21 5.78 -5.98
N PRO C 30 26.60 4.50 -5.93
CA PRO C 30 26.75 3.82 -4.64
C PRO C 30 27.77 4.48 -3.70
N ASP C 31 28.86 4.98 -4.29
CA ASP C 31 30.02 5.51 -3.55
C ASP C 31 29.69 6.77 -2.75
N ALA C 32 29.13 7.77 -3.41
CA ALA C 32 28.73 9.00 -2.74
C ALA C 32 27.88 8.70 -1.51
N THR C 33 28.11 9.47 -0.46
CA THR C 33 27.44 9.29 0.81
C THR C 33 26.14 10.01 0.73
N GLY C 34 26.27 11.33 0.71
CA GLY C 34 25.15 12.22 0.57
C GLY C 34 25.58 13.20 -0.50
N GLY C 35 24.85 14.30 -0.60
CA GLY C 35 25.11 15.26 -1.63
C GLY C 35 25.04 16.70 -1.14
N ASN C 36 25.94 17.50 -1.70
CA ASN C 36 25.89 18.93 -1.58
C ASN C 36 25.70 19.51 -2.98
N ASP C 37 25.57 20.81 -3.09
CA ASP C 37 25.29 21.42 -4.38
C ASP C 37 26.38 21.05 -5.39
N ALA C 38 27.64 21.07 -5.00
CA ALA C 38 28.73 20.82 -5.94
C ALA C 38 28.74 19.39 -6.46
N TYR C 39 28.17 18.48 -5.67
CA TYR C 39 27.99 17.07 -6.05
C TYR C 39 27.16 16.96 -7.31
N CYS C 40 25.96 17.55 -7.26
CA CYS C 40 25.06 17.60 -8.41
C CYS C 40 25.76 18.19 -9.63
N ASN C 41 26.22 19.43 -9.53
CA ASN C 41 26.92 20.10 -10.63
C ASN C 41 27.91 19.19 -11.33
N LEU C 42 28.68 18.47 -10.52
CA LEU C 42 29.64 17.52 -11.05
C LEU C 42 28.97 16.28 -11.66
N MET C 43 28.11 15.63 -10.87
CA MET C 43 27.47 14.38 -11.29
C MET C 43 26.52 14.50 -12.47
N MET C 44 25.75 15.57 -12.51
CA MET C 44 24.79 15.76 -13.61
C MET C 44 25.56 15.87 -14.89
N GLN C 45 26.68 16.61 -14.85
CA GLN C 45 27.55 16.73 -16.01
C GLN C 45 28.19 15.39 -16.35
N ARG C 46 28.76 14.70 -15.37
CA ARG C 46 29.48 13.46 -15.62
C ARG C 46 28.59 12.38 -16.19
N ARG C 47 27.38 12.24 -15.65
CA ARG C 47 26.44 11.22 -16.13
C ARG C 47 25.66 11.65 -17.39
N LYS C 48 26.06 12.80 -17.94
CA LYS C 48 25.69 13.23 -19.29
C LYS C 48 24.24 13.63 -19.33
N MET C 49 23.85 14.50 -18.41
CA MET C 49 22.52 15.06 -18.36
C MET C 49 22.50 16.61 -18.55
N THR C 50 23.66 17.20 -18.83
CA THR C 50 23.77 18.63 -19.16
C THR C 50 24.36 18.85 -20.55
N SER C 51 24.52 17.77 -21.31
CA SER C 51 25.28 17.81 -22.54
C SER C 51 24.73 18.84 -23.54
N HIS C 52 23.41 18.95 -23.60
CA HIS C 52 22.76 19.92 -24.46
C HIS C 52 22.01 20.91 -23.60
N TYR C 53 21.03 20.40 -22.85
CA TYR C 53 20.25 21.21 -21.92
C TYR C 53 20.39 20.67 -20.50
N CYS C 54 20.11 21.51 -19.53
CA CYS C 54 20.12 21.11 -18.13
C CYS C 54 18.82 20.39 -17.80
N LYS C 55 18.94 19.13 -17.34
CA LYS C 55 17.77 18.37 -16.93
C LYS C 55 17.19 18.99 -15.67
N ARG C 56 15.89 19.25 -15.69
CA ARG C 56 15.21 19.95 -14.60
C ARG C 56 15.57 19.39 -13.24
N PHE C 57 15.35 18.10 -13.08
CA PHE C 57 15.37 17.48 -11.77
C PHE C 57 15.73 16.03 -11.93
N ASN C 58 16.69 15.57 -11.14
CA ASN C 58 17.15 14.18 -11.18
C ASN C 58 17.56 13.69 -9.80
N THR C 59 17.31 12.40 -9.55
CA THR C 59 17.55 11.79 -8.26
C THR C 59 18.68 10.79 -8.39
N PHE C 60 19.64 10.83 -7.48
CA PHE C 60 20.74 9.86 -7.44
C PHE C 60 20.55 8.95 -6.24
N ILE C 61 20.52 7.64 -6.48
CA ILE C 61 20.42 6.70 -5.37
C ILE C 61 21.82 6.28 -4.89
N HIS C 62 22.01 6.28 -3.57
CA HIS C 62 23.28 5.92 -2.96
C HIS C 62 23.15 4.56 -2.31
N GLU C 63 23.05 3.54 -3.15
CA GLU C 63 23.01 2.16 -2.68
C GLU C 63 23.81 1.34 -3.64
N ASP C 64 24.23 0.15 -3.21
CA ASP C 64 24.95 -0.74 -4.09
C ASP C 64 23.99 -1.27 -5.13
N ILE C 65 24.51 -1.53 -6.33
CA ILE C 65 23.65 -1.89 -7.46
C ILE C 65 22.76 -3.07 -7.12
N TRP C 66 23.31 -4.02 -6.39
CA TRP C 66 22.57 -5.22 -6.12
C TRP C 66 21.57 -4.98 -4.99
N ASN C 67 21.97 -4.17 -4.03
CA ASN C 67 21.05 -3.65 -3.03
C ASN C 67 19.74 -3.15 -3.65
N ILE C 68 19.88 -2.48 -4.78
CA ILE C 68 18.75 -1.90 -5.49
C ILE C 68 17.96 -2.95 -6.27
N ARG C 69 18.62 -3.68 -7.17
CA ARG C 69 17.95 -4.73 -7.95
C ARG C 69 17.06 -5.60 -7.06
N SER C 70 17.42 -5.71 -5.80
CA SER C 70 16.64 -6.47 -4.83
C SER C 70 15.22 -5.91 -4.60
N ILE C 71 14.99 -4.66 -4.99
CA ILE C 71 13.67 -4.07 -4.85
C ILE C 71 12.72 -4.67 -5.87
N CYS C 72 13.26 -5.09 -7.01
CA CYS C 72 12.47 -5.78 -8.03
C CYS C 72 11.92 -7.13 -7.56
N SER C 73 12.33 -7.57 -6.39
CA SER C 73 11.80 -8.79 -5.81
C SER C 73 10.93 -8.52 -4.59
N THR C 74 10.70 -7.25 -4.27
CA THR C 74 9.71 -6.90 -3.24
C THR C 74 8.36 -6.96 -3.90
N SER C 75 7.30 -6.92 -3.10
CA SER C 75 5.94 -7.09 -3.62
C SER C 75 5.64 -6.07 -4.68
N ASN C 76 4.89 -6.49 -5.67
CA ASN C 76 4.48 -5.60 -6.73
C ASN C 76 3.48 -4.61 -6.24
N ILE C 77 3.47 -3.46 -6.90
CA ILE C 77 2.41 -2.48 -6.74
C ILE C 77 2.12 -1.89 -8.10
N GLN C 78 1.07 -1.08 -8.16
CA GLN C 78 0.65 -0.46 -9.40
C GLN C 78 1.40 0.84 -9.70
N CYS C 79 1.95 0.91 -10.90
CA CYS C 79 2.67 2.10 -11.35
C CYS C 79 1.69 3.24 -11.54
N LYS C 80 2.24 4.44 -11.70
CA LYS C 80 1.45 5.60 -12.10
C LYS C 80 0.60 5.28 -13.34
N ASN C 81 1.24 4.56 -14.26
CA ASN C 81 0.72 4.13 -15.56
C ASN C 81 -0.32 3.02 -15.52
N GLY C 82 -0.70 2.59 -14.33
CA GLY C 82 -1.57 1.44 -14.19
C GLY C 82 -0.88 0.09 -14.30
N GLN C 83 0.37 0.05 -14.80
CA GLN C 83 1.10 -1.21 -14.88
C GLN C 83 1.42 -1.70 -13.50
N MET C 84 1.64 -3.00 -13.39
CA MET C 84 1.78 -3.66 -12.09
C MET C 84 3.20 -4.09 -11.78
N ASN C 85 4.16 -3.62 -12.57
CA ASN C 85 5.56 -3.98 -12.40
C ASN C 85 6.39 -2.97 -11.56
N CYS C 86 5.72 -2.14 -10.74
CA CYS C 86 6.43 -1.20 -9.88
C CYS C 86 6.67 -1.81 -8.51
N HIS C 87 7.72 -1.32 -7.85
CA HIS C 87 8.15 -1.84 -6.56
C HIS C 87 8.65 -0.67 -5.73
N GLU C 88 8.43 -0.74 -4.43
CA GLU C 88 8.79 0.37 -3.55
C GLU C 88 9.85 -0.06 -2.58
N GLY C 89 10.66 0.92 -2.15
CA GLY C 89 11.72 0.68 -1.19
C GLY C 89 12.27 1.96 -0.63
N VAL C 90 13.05 1.84 0.44
CA VAL C 90 13.57 2.99 1.15
C VAL C 90 15.07 3.08 1.01
N VAL C 91 15.53 4.16 0.40
CA VAL C 91 16.96 4.32 0.10
C VAL C 91 17.45 5.74 0.39
N LYS C 92 18.77 5.87 0.50
CA LYS C 92 19.42 7.17 0.61
C LYS C 92 19.51 7.73 -0.79
N VAL C 93 19.16 9.00 -0.96
CA VAL C 93 19.29 9.68 -2.24
C VAL C 93 19.81 11.11 -2.14
N THR C 94 20.21 11.66 -3.29
CA THR C 94 20.41 13.08 -3.47
C THR C 94 19.50 13.55 -4.60
N ALA C 95 18.60 14.48 -4.32
CA ALA C 95 17.74 15.07 -5.33
C ALA C 95 18.44 16.30 -5.89
N CYS C 96 18.80 16.25 -7.17
CA CYS C 96 19.36 17.41 -7.85
C CYS C 96 18.25 18.16 -8.61
N ARG C 97 18.06 19.43 -8.25
CA ARG C 97 17.04 20.29 -8.86
C ARG C 97 17.76 21.52 -9.43
N GLU C 98 17.34 21.95 -10.61
CA GLU C 98 17.99 23.08 -11.28
C GLU C 98 17.71 24.41 -10.54
N THR C 99 18.75 25.24 -10.34
CA THR C 99 18.63 26.47 -9.52
C THR C 99 17.78 27.59 -10.15
N GLY C 100 17.64 27.58 -11.47
CA GLY C 100 16.94 28.67 -12.16
C GLY C 100 17.91 29.77 -12.50
N SER C 101 18.77 30.15 -11.57
CA SER C 101 19.91 30.98 -11.89
C SER C 101 20.92 30.21 -12.76
N SER C 102 20.59 28.96 -13.13
CA SER C 102 21.36 28.22 -14.13
C SER C 102 20.84 28.44 -15.53
N ARG C 103 21.77 28.51 -16.47
CA ARG C 103 21.51 28.60 -17.89
C ARG C 103 22.25 27.43 -18.52
N ALA C 104 22.16 27.26 -19.84
CA ALA C 104 22.84 26.15 -20.50
C ALA C 104 24.12 26.60 -21.22
N PRO C 105 25.08 25.70 -21.42
CA PRO C 105 25.14 24.39 -20.76
C PRO C 105 25.91 24.49 -19.43
N ASN C 106 26.16 25.73 -18.98
CA ASN C 106 26.70 25.97 -17.65
C ASN C 106 25.58 25.82 -16.62
N CYS C 107 25.22 24.57 -16.40
CA CYS C 107 24.09 24.20 -15.59
C CYS C 107 24.48 24.30 -14.14
N ARG C 108 23.49 24.51 -13.29
CA ARG C 108 23.74 24.68 -11.87
C ARG C 108 22.57 24.08 -11.11
N TYR C 109 22.87 23.45 -9.97
CA TYR C 109 21.87 22.72 -9.20
C TYR C 109 21.95 22.97 -7.70
N ARG C 110 20.82 22.76 -7.02
CA ARG C 110 20.74 22.74 -5.55
C ARG C 110 20.38 21.34 -5.07
N ALA C 111 21.24 20.75 -4.24
CA ALA C 111 21.10 19.36 -3.83
C ALA C 111 20.13 19.19 -2.67
N MET C 112 19.53 17.99 -2.56
CA MET C 112 18.67 17.64 -1.44
C MET C 112 18.88 16.20 -1.02
N ALA C 113 19.67 16.00 0.02
CA ALA C 113 19.95 14.67 0.53
C ALA C 113 18.85 14.27 1.51
N SER C 114 18.38 13.03 1.38
CA SER C 114 17.47 12.41 2.35
C SER C 114 17.37 10.91 2.08
N THR C 115 17.06 10.13 3.12
CA THR C 115 16.67 8.74 2.96
C THR C 115 15.18 8.76 2.78
N ARG C 116 14.69 8.20 1.68
CA ARG C 116 13.28 8.33 1.35
C ARG C 116 12.78 7.15 0.55
N ARG C 117 11.46 7.09 0.44
CA ARG C 117 10.79 6.04 -0.32
C ARG C 117 10.94 6.32 -1.81
N VAL C 118 11.12 5.27 -2.58
CA VAL C 118 11.19 5.39 -4.01
C VAL C 118 10.45 4.25 -4.63
N VAL C 119 10.08 4.43 -5.89
CA VAL C 119 9.30 3.45 -6.61
C VAL C 119 9.93 3.30 -7.98
N ILE C 120 10.25 2.06 -8.35
CA ILE C 120 10.92 1.80 -9.63
C ILE C 120 10.20 0.69 -10.38
N ALA C 121 10.08 0.86 -11.69
CA ALA C 121 9.57 -0.19 -12.55
C ALA C 121 10.73 -1.14 -12.78
N CYS C 122 10.42 -2.44 -12.86
CA CYS C 122 11.41 -3.46 -13.18
C CYS C 122 10.95 -4.37 -14.32
N GLU C 123 11.81 -4.51 -15.35
CA GLU C 123 11.50 -5.36 -16.51
C GLU C 123 12.58 -6.39 -16.75
N GLY C 124 12.30 -7.28 -17.68
CA GLY C 124 13.30 -8.24 -18.15
C GLY C 124 13.34 -9.54 -17.37
N ASN C 125 14.30 -10.38 -17.74
CA ASN C 125 14.56 -11.68 -17.11
C ASN C 125 16.05 -11.85 -16.97
N PRO C 126 16.56 -11.80 -15.74
CA PRO C 126 15.77 -11.50 -14.54
C PRO C 126 15.29 -10.05 -14.49
N GLU C 127 14.30 -9.80 -13.61
CA GLU C 127 13.75 -8.46 -13.43
C GLU C 127 14.84 -7.52 -12.95
N VAL C 128 15.14 -6.54 -13.78
CA VAL C 128 16.10 -5.51 -13.47
C VAL C 128 15.38 -4.18 -13.50
N PRO C 129 15.85 -3.20 -12.73
CA PRO C 129 15.29 -1.84 -12.72
C PRO C 129 15.44 -1.07 -14.04
N VAL C 130 14.35 -0.57 -14.62
CA VAL C 130 14.50 0.13 -15.89
C VAL C 130 13.93 1.52 -15.87
N HIS C 131 13.18 1.88 -14.86
CA HIS C 131 12.45 3.15 -14.90
C HIS C 131 12.17 3.60 -13.49
N PHE C 132 12.41 4.88 -13.26
CA PHE C 132 12.17 5.51 -11.97
C PHE C 132 10.76 6.03 -12.05
N ASP C 133 9.88 5.65 -11.11
CA ASP C 133 8.48 6.11 -11.13
C ASP C 133 8.28 7.41 -10.31
N LYS C 134 8.88 7.48 -9.11
CA LYS C 134 8.88 8.71 -8.28
C LYS C 134 9.69 8.54 -6.98
N LYS D 14 5.15 28.50 -1.87
CA LYS D 14 4.00 27.75 -1.33
C LYS D 14 3.52 28.33 0.01
N MET D 15 2.40 29.03 -0.05
CA MET D 15 1.59 29.36 1.12
C MET D 15 0.76 28.13 1.47
N GLN D 16 0.72 27.18 0.54
CA GLN D 16 0.19 25.84 0.78
C GLN D 16 0.87 25.31 2.03
N ASP D 17 2.19 25.40 2.01
CA ASP D 17 2.99 24.90 3.10
C ASP D 17 2.76 25.69 4.37
N ARG D 18 2.95 26.98 4.30
CA ARG D 18 2.84 27.78 5.49
C ARG D 18 1.48 27.56 6.20
N MET D 19 0.44 27.21 5.45
CA MET D 19 -0.83 26.81 6.05
C MET D 19 -0.72 25.48 6.75
N TYR D 20 -0.08 24.52 6.09
CA TYR D 20 0.23 23.21 6.67
C TYR D 20 0.92 23.35 8.03
N GLN D 21 1.90 24.25 8.10
CA GLN D 21 2.59 24.55 9.36
C GLN D 21 1.61 25.03 10.40
N ARG D 22 0.75 25.95 9.97
CA ARG D 22 -0.25 26.50 10.85
C ARG D 22 -1.16 25.41 11.41
N PHE D 23 -1.47 24.42 10.56
CA PHE D 23 -2.32 23.31 10.94
C PHE D 23 -1.61 22.46 11.97
N LEU D 24 -0.36 22.17 11.70
CA LEU D 24 0.40 21.33 12.63
C LEU D 24 0.40 22.02 13.96
N ARG D 25 0.79 23.30 13.94
CA ARG D 25 0.86 24.08 15.16
C ARG D 25 -0.45 24.08 15.94
N GLN D 26 -1.53 24.35 15.23
CA GLN D 26 -2.80 24.53 15.89
C GLN D 26 -3.48 23.23 16.28
N HIS D 27 -3.20 22.14 15.58
CA HIS D 27 -3.99 20.92 15.75
C HIS D 27 -3.28 19.60 16.03
N VAL D 28 -1.96 19.58 16.08
CA VAL D 28 -1.27 18.29 16.23
C VAL D 28 -0.36 18.25 17.44
N ASP D 29 -0.65 17.32 18.35
CA ASP D 29 0.30 16.92 19.40
C ASP D 29 0.35 15.40 19.45
N PRO D 30 1.30 14.78 18.70
CA PRO D 30 1.36 13.32 18.65
C PRO D 30 1.64 12.71 20.03
N ASP D 31 2.45 13.42 20.82
CA ASP D 31 2.95 12.95 22.10
C ASP D 31 1.87 12.76 23.15
N ALA D 32 1.10 13.81 23.40
CA ALA D 32 -0.01 13.76 24.35
C ALA D 32 -0.89 12.55 24.06
N THR D 33 -1.32 11.89 25.13
CA THR D 33 -2.09 10.66 25.04
C THR D 33 -3.55 11.08 24.89
N GLY D 34 -4.06 11.69 25.96
CA GLY D 34 -5.38 12.29 25.99
C GLY D 34 -5.22 13.65 26.63
N GLY D 35 -6.33 14.25 27.03
CA GLY D 35 -6.30 15.59 27.56
C GLY D 35 -7.19 15.78 28.77
N ASN D 36 -6.69 16.58 29.70
CA ASN D 36 -7.46 17.08 30.81
C ASN D 36 -7.53 18.60 30.68
N ASP D 37 -8.24 19.25 31.58
CA ASP D 37 -8.41 20.69 31.48
C ASP D 37 -7.07 21.42 31.44
N ALA D 38 -6.14 21.01 32.29
CA ALA D 38 -4.85 21.71 32.37
C ALA D 38 -4.02 21.55 31.10
N TYR D 39 -4.26 20.46 30.35
CA TYR D 39 -3.62 20.22 29.06
C TYR D 39 -3.92 21.35 28.09
N CYS D 40 -5.22 21.60 27.88
CA CYS D 40 -5.68 22.71 27.04
C CYS D 40 -5.06 24.03 27.45
N ASN D 41 -5.33 24.44 28.69
CA ASN D 41 -4.78 25.70 29.21
C ASN D 41 -3.32 25.90 28.82
N LEU D 42 -2.54 24.84 28.96
CA LEU D 42 -1.13 24.88 28.60
C LEU D 42 -0.94 24.94 27.08
N MET D 43 -1.55 23.99 26.37
CA MET D 43 -1.34 23.84 24.93
C MET D 43 -1.86 25.00 24.10
N MET D 44 -3.02 25.52 24.48
CA MET D 44 -3.61 26.62 23.74
C MET D 44 -2.66 27.81 23.81
N GLN D 45 -2.12 28.04 24.99
CA GLN D 45 -1.16 29.11 25.19
C GLN D 45 0.13 28.83 24.42
N ARG D 46 0.66 27.62 24.54
CA ARG D 46 1.94 27.28 23.90
C ARG D 46 1.89 27.35 22.38
N ARG D 47 0.80 26.84 21.79
CA ARG D 47 0.65 26.88 20.32
C ARG D 47 0.13 28.24 19.82
N LYS D 48 0.06 29.22 20.72
CA LYS D 48 -0.11 30.63 20.39
C LYS D 48 -1.50 30.91 19.88
N MET D 49 -2.49 30.47 20.65
CA MET D 49 -3.90 30.73 20.37
C MET D 49 -4.62 31.54 21.46
N THR D 50 -3.88 32.01 22.46
CA THR D 50 -4.41 32.91 23.49
C THR D 50 -3.67 34.23 23.53
N SER D 51 -2.78 34.45 22.57
CA SER D 51 -1.82 35.55 22.66
C SER D 51 -2.53 36.90 22.78
N HIS D 52 -3.64 37.05 22.07
CA HIS D 52 -4.43 38.28 22.08
C HIS D 52 -5.81 37.97 22.70
N TYR D 53 -6.57 37.13 22.02
CA TYR D 53 -7.86 36.65 22.54
C TYR D 53 -7.85 35.13 22.66
N CYS D 54 -8.74 34.61 23.50
CA CYS D 54 -8.91 33.17 23.68
C CYS D 54 -9.74 32.60 22.55
N LYS D 55 -9.16 31.67 21.80
CA LYS D 55 -9.87 31.02 20.72
C LYS D 55 -10.98 30.17 21.30
N ARG D 56 -12.19 30.36 20.78
CA ARG D 56 -13.38 29.69 21.29
C ARG D 56 -13.18 28.23 21.50
N PHE D 57 -12.79 27.54 20.45
CA PHE D 57 -12.82 26.08 20.43
C PHE D 57 -11.75 25.62 19.48
N ASN D 58 -10.93 24.66 19.94
CA ASN D 58 -9.87 24.08 19.13
C ASN D 58 -9.66 22.63 19.46
N THR D 59 -9.30 21.87 18.44
CA THR D 59 -9.15 20.44 18.54
C THR D 59 -7.69 20.07 18.32
N PHE D 60 -7.15 19.22 19.20
CA PHE D 60 -5.78 18.73 19.07
C PHE D 60 -5.80 17.26 18.69
N ILE D 61 -5.14 16.91 17.60
CA ILE D 61 -5.09 15.51 17.17
C ILE D 61 -3.87 14.84 17.77
N HIS D 62 -4.08 13.64 18.30
CA HIS D 62 -3.02 12.87 18.92
C HIS D 62 -2.68 11.71 18.00
N GLU D 63 -2.05 12.04 16.89
CA GLU D 63 -1.55 11.06 15.97
C GLU D 63 -0.22 11.54 15.45
N ASP D 64 0.58 10.61 14.92
CA ASP D 64 1.85 10.98 14.34
C ASP D 64 1.56 11.76 13.06
N ILE D 65 2.45 12.69 12.74
CA ILE D 65 2.22 13.58 11.61
C ILE D 65 1.93 12.80 10.32
N TRP D 66 2.64 11.71 10.10
CA TRP D 66 2.53 10.98 8.84
C TRP D 66 1.29 10.12 8.86
N ASN D 67 0.96 9.60 10.04
CA ASN D 67 -0.35 8.96 10.28
C ASN D 67 -1.52 9.82 9.78
N ILE D 68 -1.41 11.12 10.02
CA ILE D 68 -2.43 12.06 9.61
C ILE D 68 -2.37 12.33 8.09
N ARG D 69 -1.23 12.80 7.58
CA ARG D 69 -1.09 13.13 6.15
C ARG D 69 -1.68 12.05 5.28
N SER D 70 -1.68 10.83 5.79
CA SER D 70 -2.28 9.70 5.09
C SER D 70 -3.79 9.83 4.83
N ILE D 71 -4.45 10.71 5.57
CA ILE D 71 -5.88 10.93 5.36
C ILE D 71 -6.11 11.66 4.04
N CYS D 72 -5.13 12.47 3.63
CA CYS D 72 -5.19 13.15 2.34
C CYS D 72 -5.19 12.21 1.14
N SER D 73 -4.96 10.92 1.39
CA SER D 73 -5.00 9.93 0.33
C SER D 73 -6.20 9.02 0.47
N THR D 74 -7.07 9.29 1.44
CA THR D 74 -8.36 8.61 1.51
C THR D 74 -9.27 9.31 0.51
N SER D 75 -10.41 8.68 0.20
CA SER D 75 -11.28 9.17 -0.86
C SER D 75 -11.77 10.57 -0.51
N ASN D 76 -11.93 11.39 -1.54
CA ASN D 76 -12.38 12.75 -1.36
C ASN D 76 -13.83 12.79 -0.94
N ILE D 77 -14.17 13.86 -0.26
CA ILE D 77 -15.54 14.22 0.00
C ILE D 77 -15.67 15.75 -0.06
N GLN D 78 -16.90 16.23 0.04
CA GLN D 78 -17.17 17.65 -0.09
C GLN D 78 -16.99 18.38 1.23
N CYS D 79 -16.25 19.47 1.19
CA CYS D 79 -16.06 20.34 2.35
C CYS D 79 -17.35 21.10 2.67
N LYS D 80 -17.37 21.70 3.85
CA LYS D 80 -18.49 22.59 4.24
C LYS D 80 -18.72 23.69 3.21
N ASN D 81 -17.60 24.19 2.70
CA ASN D 81 -17.59 25.26 1.72
C ASN D 81 -17.79 24.77 0.27
N GLY D 82 -18.22 23.52 0.08
CA GLY D 82 -18.51 23.00 -1.24
C GLY D 82 -17.32 22.47 -2.00
N GLN D 83 -16.11 22.81 -1.54
CA GLN D 83 -14.90 22.27 -2.19
C GLN D 83 -14.80 20.78 -1.96
N MET D 84 -14.06 20.12 -2.82
CA MET D 84 -14.04 18.67 -2.87
C MET D 84 -12.74 18.06 -2.34
N ASN D 85 -11.93 18.88 -1.70
CA ASN D 85 -10.62 18.44 -1.24
C ASN D 85 -10.61 18.05 0.23
N CYS D 86 -11.77 17.73 0.79
CA CYS D 86 -11.83 17.26 2.17
C CYS D 86 -11.75 15.74 2.23
N HIS D 87 -11.29 15.24 3.38
CA HIS D 87 -11.07 13.82 3.61
C HIS D 87 -11.46 13.52 5.03
N GLU D 88 -12.00 12.34 5.27
CA GLU D 88 -12.46 11.99 6.62
C GLU D 88 -11.66 10.83 7.17
N GLY D 89 -11.56 10.80 8.50
CA GLY D 89 -10.81 9.76 9.19
C GLY D 89 -11.11 9.76 10.67
N VAL D 90 -10.71 8.67 11.35
CA VAL D 90 -11.00 8.50 12.78
C VAL D 90 -9.71 8.53 13.59
N VAL D 91 -9.62 9.49 14.51
CA VAL D 91 -8.42 9.73 15.28
C VAL D 91 -8.75 10.01 16.74
N LYS D 92 -7.73 9.90 17.60
CA LYS D 92 -7.81 10.34 18.98
C LYS D 92 -7.61 11.84 19.01
N VAL D 93 -8.45 12.56 19.77
CA VAL D 93 -8.31 14.01 19.92
C VAL D 93 -8.57 14.49 21.34
N THR D 94 -8.19 15.75 21.58
CA THR D 94 -8.66 16.53 22.72
C THR D 94 -9.34 17.80 22.22
N ALA D 95 -10.62 17.95 22.51
CA ALA D 95 -11.36 19.16 22.14
C ALA D 95 -11.24 20.16 23.27
N CYS D 96 -10.59 21.28 22.98
CA CYS D 96 -10.50 22.37 23.94
C CYS D 96 -11.56 23.42 23.65
N ARG D 97 -12.44 23.64 24.61
CA ARG D 97 -13.54 24.59 24.50
C ARG D 97 -13.41 25.59 25.63
N GLU D 98 -13.66 26.87 25.34
CA GLU D 98 -13.49 27.93 26.33
C GLU D 98 -14.56 27.85 27.42
N THR D 99 -14.16 27.98 28.68
CA THR D 99 -15.07 27.76 29.82
C THR D 99 -16.15 28.82 29.98
N GLY D 100 -15.92 30.02 29.45
CA GLY D 100 -16.85 31.13 29.65
C GLY D 100 -16.47 31.89 30.92
N SER D 101 -16.19 31.15 31.99
CA SER D 101 -15.56 31.75 33.16
C SER D 101 -14.10 32.16 32.86
N SER D 102 -13.67 31.97 31.60
CA SER D 102 -12.41 32.54 31.14
C SER D 102 -12.60 33.92 30.54
N ARG D 103 -11.60 34.77 30.80
CA ARG D 103 -11.51 36.10 30.23
C ARG D 103 -10.15 36.14 29.54
N ALA D 104 -9.80 37.25 28.89
CA ALA D 104 -8.50 37.35 28.21
C ALA D 104 -7.49 38.14 29.03
N PRO D 105 -6.18 37.92 28.81
CA PRO D 105 -5.67 36.77 28.06
C PRO D 105 -5.45 35.61 29.02
N ASN D 106 -5.96 35.71 30.24
CA ASN D 106 -5.97 34.60 31.18
C ASN D 106 -7.08 33.65 30.78
N CYS D 107 -6.84 32.93 29.69
CA CYS D 107 -7.80 32.04 29.06
C CYS D 107 -7.89 30.72 29.81
N ARG D 108 -9.04 30.08 29.74
CA ARG D 108 -9.32 28.88 30.53
C ARG D 108 -10.21 28.00 29.69
N TYR D 109 -9.95 26.69 29.75
CA TYR D 109 -10.63 25.73 28.89
C TYR D 109 -11.08 24.47 29.64
N ARG D 110 -12.09 23.82 29.09
CA ARG D 110 -12.53 22.49 29.54
C ARG D 110 -12.27 21.47 28.41
N ALA D 111 -11.48 20.45 28.73
CA ALA D 111 -11.03 19.48 27.74
C ALA D 111 -12.06 18.40 27.47
N MET D 112 -11.99 17.81 26.28
CA MET D 112 -12.86 16.68 25.93
C MET D 112 -12.10 15.69 25.07
N ALA D 113 -11.62 14.63 25.71
CA ALA D 113 -10.90 13.57 25.01
C ALA D 113 -11.88 12.55 24.45
N SER D 114 -11.64 12.15 23.20
CA SER D 114 -12.38 11.08 22.55
C SER D 114 -11.71 10.72 21.25
N THR D 115 -11.90 9.48 20.82
CA THR D 115 -11.52 9.06 19.48
C THR D 115 -12.73 9.33 18.64
N ARG D 116 -12.58 10.13 17.58
CA ARG D 116 -13.73 10.57 16.82
C ARG D 116 -13.38 10.86 15.39
N ARG D 117 -14.43 11.01 14.61
CA ARG D 117 -14.30 11.32 13.19
C ARG D 117 -13.86 12.76 13.01
N VAL D 118 -13.00 12.98 12.02
CA VAL D 118 -12.59 14.33 11.68
C VAL D 118 -12.51 14.45 10.18
N VAL D 119 -12.54 15.70 9.73
CA VAL D 119 -12.52 16.01 8.32
C VAL D 119 -11.52 17.13 8.11
N ILE D 120 -10.59 16.91 7.18
CA ILE D 120 -9.54 17.89 6.94
C ILE D 120 -9.39 18.15 5.47
N ALA D 121 -9.18 19.40 5.14
CA ALA D 121 -8.89 19.77 3.77
C ALA D 121 -7.41 19.50 3.55
N CYS D 122 -7.06 19.08 2.34
CA CYS D 122 -5.69 18.87 1.94
C CYS D 122 -5.35 19.57 0.62
N GLU D 123 -4.28 20.36 0.62
CA GLU D 123 -3.84 21.07 -0.58
C GLU D 123 -2.38 20.76 -0.89
N GLY D 124 -1.93 21.24 -2.05
CA GLY D 124 -0.54 21.18 -2.42
C GLY D 124 -0.13 19.91 -3.13
N ASN D 125 1.17 19.83 -3.38
CA ASN D 125 1.79 18.71 -4.04
C ASN D 125 3.11 18.40 -3.34
N PRO D 126 3.19 17.27 -2.64
CA PRO D 126 2.06 16.36 -2.44
C PRO D 126 0.96 16.97 -1.58
N GLU D 127 -0.22 16.36 -1.62
CA GLU D 127 -1.35 16.80 -0.81
C GLU D 127 -1.00 16.69 0.66
N VAL D 128 -0.95 17.85 1.32
CA VAL D 128 -0.71 17.93 2.74
C VAL D 128 -1.92 18.58 3.38
N PRO D 129 -2.21 18.28 4.66
CA PRO D 129 -3.29 18.87 5.41
C PRO D 129 -3.13 20.37 5.63
N VAL D 130 -4.11 21.19 5.23
CA VAL D 130 -3.98 22.62 5.45
C VAL D 130 -5.10 23.23 6.25
N HIS D 131 -6.17 22.50 6.51
CA HIS D 131 -7.33 23.11 7.12
C HIS D 131 -8.16 22.03 7.79
N PHE D 132 -8.63 22.35 8.98
CA PHE D 132 -9.52 21.48 9.75
C PHE D 132 -10.91 21.91 9.44
N ASP D 133 -11.74 20.95 9.02
CA ASP D 133 -13.13 21.28 8.62
C ASP D 133 -14.11 21.13 9.80
N LYS D 134 -13.99 20.03 10.54
CA LYS D 134 -14.79 19.80 11.75
C LYS D 134 -14.41 18.47 12.43
#